data_7P50
#
_entry.id   7P50
#
_cell.length_a   58.238
_cell.length_b   58.238
_cell.length_c   229.304
_cell.angle_alpha   90.000
_cell.angle_beta   90.000
_cell.angle_gamma   90.000
#
_symmetry.space_group_name_H-M   'P 43 21 2'
#
loop_
_entity.id
_entity.type
_entity.pdbx_description
1 polymer 'GlnK2 from Methanothermococcus thermolithotrophicus'
2 non-polymer '2-OXOGLUTARIC ACID'
3 non-polymer 'MAGNESIUM ION'
4 non-polymer "ADENOSINE-5'-TRIPHOSPHATE"
5 non-polymer '2-(N-MORPHOLINO)-ETHANESULFONIC ACID'
6 non-polymer GLYCEROL
7 non-polymer 'CHLORIDE ION'
8 water water
#
_entity_poly.entity_id   1
_entity_poly.type   'polypeptide(L)'
_entity_poly.pdbx_seq_one_letter_code
;MGSSHHHHHHSSGLVPRGSHMKKVEAIIRPERLDIVKNSLTDAGYVGMTVSEVKGRGIQGGIVERYRGREYTVDLLPKIK
IELVVKEEDVEKIIDIICENAKTGNQGDGKVFIIPVEEVVRVRTKERGRGAI
;
_entity_poly.pdbx_strand_id   A,B,C
#
loop_
_chem_comp.id
_chem_comp.type
_chem_comp.name
_chem_comp.formula
AKG non-polymer '2-OXOGLUTARIC ACID' 'C5 H6 O5'
ATP non-polymer ADENOSINE-5'-TRIPHOSPHATE 'C10 H16 N5 O13 P3'
CL non-polymer 'CHLORIDE ION' 'Cl -1'
GOL non-polymer GLYCEROL 'C3 H8 O3'
MES non-polymer '2-(N-MORPHOLINO)-ETHANESULFONIC ACID' 'C6 H13 N O4 S'
MG non-polymer 'MAGNESIUM ION' 'Mg 2'
#
# COMPACT_ATOMS: atom_id res chain seq x y z
N SER A 4 32.99 42.65 -5.79
CA SER A 4 32.46 42.59 -7.17
C SER A 4 31.88 41.19 -7.44
N HIS A 5 30.89 41.10 -8.34
CA HIS A 5 30.20 39.83 -8.71
C HIS A 5 30.26 39.65 -10.23
N HIS A 6 30.60 38.46 -10.70
CA HIS A 6 30.64 38.22 -12.16
C HIS A 6 29.25 37.72 -12.57
N HIS A 7 28.65 38.32 -13.60
CA HIS A 7 27.29 37.90 -14.00
C HIS A 7 27.31 36.43 -14.40
N HIS A 8 26.30 35.68 -13.95
CA HIS A 8 26.22 34.24 -14.29
C HIS A 8 24.87 33.94 -14.96
N HIS A 9 24.81 32.85 -15.72
CA HIS A 9 23.56 32.44 -16.43
C HIS A 9 22.43 32.23 -15.43
N GLY A 18 -2.47 23.12 -3.93
CA GLY A 18 -2.16 21.78 -3.35
C GLY A 18 -3.24 21.27 -2.42
N SER A 19 -3.34 19.95 -2.29
CA SER A 19 -4.37 19.38 -1.43
C SER A 19 -4.06 19.61 0.04
N HIS A 20 -2.79 19.77 0.38
CA HIS A 20 -2.34 19.84 1.77
C HIS A 20 -2.81 18.61 2.59
N MET A 21 -2.75 17.45 1.93
CA MET A 21 -3.01 16.17 2.55
C MET A 21 -1.91 15.22 2.10
N LYS A 22 -1.49 14.30 2.98
CA LYS A 22 -0.42 13.38 2.68
C LYS A 22 -0.74 12.04 3.32
N LYS A 23 -0.05 11.02 2.80
CA LYS A 23 -0.13 9.67 3.41
C LYS A 23 1.23 9.37 4.03
N VAL A 24 1.22 9.08 5.33
CA VAL A 24 2.39 8.62 6.03
C VAL A 24 2.31 7.10 6.03
N GLU A 25 3.25 6.45 5.36
CA GLU A 25 3.31 4.98 5.28
CA GLU A 25 3.31 5.00 5.29
C GLU A 25 4.59 4.59 5.99
N ALA A 26 4.46 3.89 7.12
CA ALA A 26 5.64 3.50 7.89
C ALA A 26 5.65 1.99 8.08
N ILE A 27 6.85 1.43 7.96
CA ILE A 27 7.07 0.01 8.25
C ILE A 27 7.84 -0.04 9.56
N ILE A 28 7.32 -0.79 10.53
CA ILE A 28 7.87 -0.88 11.86
C ILE A 28 7.87 -2.33 12.33
N ARG A 29 8.54 -2.58 13.45
CA ARG A 29 8.56 -3.92 14.03
C ARG A 29 7.19 -4.27 14.61
N PRO A 30 6.78 -5.53 14.52
CA PRO A 30 5.51 -5.95 15.14
C PRO A 30 5.43 -5.56 16.62
N GLU A 31 6.53 -5.72 17.32
CA GLU A 31 6.54 -5.50 18.77
C GLU A 31 6.63 -4.03 19.15
N ARG A 32 6.62 -3.12 18.17
CA ARG A 32 6.50 -1.70 18.48
C ARG A 32 5.17 -1.13 18.06
N LEU A 33 4.28 -1.92 17.47
CA LEU A 33 3.03 -1.37 16.98
C LEU A 33 2.23 -0.70 18.10
N ASP A 34 2.02 -1.41 19.22
CA ASP A 34 1.16 -0.86 20.26
C ASP A 34 1.77 0.40 20.87
N ILE A 35 3.10 0.41 21.05
CA ILE A 35 3.75 1.61 21.57
C ILE A 35 3.54 2.79 20.60
N VAL A 36 3.79 2.57 19.30
CA VAL A 36 3.61 3.63 18.30
C VAL A 36 2.16 4.08 18.26
N LYS A 37 1.23 3.14 18.16
CA LYS A 37 -0.18 3.47 18.08
C LYS A 37 -0.63 4.30 19.26
N ASN A 38 -0.22 3.91 20.45
CA ASN A 38 -0.65 4.62 21.64
C ASN A 38 -0.11 6.04 21.70
N SER A 39 1.14 6.24 21.28
CA SER A 39 1.65 7.59 21.25
C SER A 39 0.97 8.45 20.20
N LEU A 40 0.67 7.89 19.05
CA LEU A 40 -0.07 8.63 18.03
C LEU A 40 -1.46 8.98 18.55
N THR A 41 -2.13 8.03 19.20
CA THR A 41 -3.46 8.27 19.75
C THR A 41 -3.42 9.38 20.78
N ASP A 42 -2.45 9.34 21.67
CA ASP A 42 -2.35 10.36 22.72
C ASP A 42 -2.16 11.73 22.12
N ALA A 43 -1.46 11.83 21.00
CA ALA A 43 -1.21 13.09 20.33
C ALA A 43 -2.35 13.54 19.43
N GLY A 44 -3.38 12.70 19.27
CA GLY A 44 -4.57 13.05 18.50
C GLY A 44 -4.56 12.64 17.04
N TYR A 45 -3.62 11.80 16.61
CA TYR A 45 -3.51 11.37 15.22
C TYR A 45 -4.08 9.96 15.18
N VAL A 46 -5.38 9.83 14.95
CA VAL A 46 -6.10 8.60 15.27
C VAL A 46 -6.37 7.75 14.02
N GLY A 47 -6.92 8.36 12.97
CA GLY A 47 -7.24 7.62 11.72
C GLY A 47 -6.03 6.86 11.20
N MET A 48 -6.11 5.53 11.13
CA MET A 48 -4.93 4.74 10.70
C MET A 48 -5.35 3.38 10.17
N THR A 49 -4.59 2.86 9.19
CA THR A 49 -4.82 1.52 8.60
C THR A 49 -3.54 0.71 8.83
N VAL A 50 -3.69 -0.54 9.30
CA VAL A 50 -2.56 -1.37 9.69
C VAL A 50 -2.58 -2.67 8.91
N SER A 51 -1.44 -3.04 8.37
CA SER A 51 -1.28 -4.24 7.56
C SER A 51 -0.10 -5.08 8.06
N GLU A 52 -0.24 -6.39 7.94
CA GLU A 52 0.85 -7.32 8.20
C GLU A 52 1.60 -7.57 6.91
N VAL A 53 2.90 -7.42 6.93
CA VAL A 53 3.74 -7.50 5.76
C VAL A 53 5.02 -8.25 6.12
N LYS A 54 5.86 -8.50 5.12
CA LYS A 54 7.20 -8.98 5.35
C LYS A 54 8.14 -8.05 4.61
N GLY A 55 9.38 -7.97 5.04
CA GLY A 55 10.28 -7.05 4.38
C GLY A 55 11.72 -7.35 4.68
N ARG A 56 12.58 -6.67 3.93
CA ARG A 56 13.96 -6.46 4.33
C ARG A 56 14.35 -5.05 3.95
N GLY A 57 15.31 -4.51 4.67
CA GLY A 57 15.94 -3.24 4.38
C GLY A 57 17.23 -3.43 3.61
N ILE A 58 18.15 -2.47 3.77
CA ILE A 58 19.30 -2.46 2.90
C ILE A 58 20.26 -3.60 3.22
N GLN A 59 20.18 -4.20 4.44
CA GLN A 59 21.07 -5.29 4.77
C GLN A 59 20.60 -6.63 4.22
N GLY A 60 19.41 -6.72 3.64
CA GLY A 60 19.01 -7.94 2.96
C GLY A 60 18.58 -9.08 3.87
N GLY A 61 18.18 -8.78 5.09
CA GLY A 61 17.72 -9.81 6.01
C GLY A 61 18.75 -10.11 7.07
N ILE A 62 18.62 -11.30 7.64
CA ILE A 62 19.46 -11.75 8.75
C ILE A 62 20.03 -13.11 8.38
N VAL A 63 21.04 -13.53 9.13
CA VAL A 63 21.66 -14.84 8.97
C VAL A 63 21.33 -15.69 10.18
N GLU A 64 20.86 -16.89 9.90
CA GLU A 64 20.59 -17.89 10.92
C GLU A 64 21.55 -19.06 10.72
N ARG A 65 21.99 -19.65 11.82
CA ARG A 65 22.99 -20.71 11.77
C ARG A 65 22.38 -22.06 12.12
N TYR A 66 22.87 -23.09 11.44
CA TYR A 66 22.46 -24.49 11.70
C TYR A 66 23.59 -25.44 11.31
N ARG A 67 24.02 -26.25 12.27
CA ARG A 67 25.10 -27.26 12.06
C ARG A 67 26.34 -26.62 11.44
N GLY A 68 26.75 -25.44 11.91
CA GLY A 68 27.97 -24.76 11.43
C GLY A 68 27.82 -24.11 10.06
N ARG A 69 26.57 -23.99 9.57
CA ARG A 69 26.32 -23.38 8.24
C ARG A 69 25.42 -22.15 8.40
N GLU A 70 25.66 -21.11 7.60
CA GLU A 70 24.86 -19.86 7.65
C GLU A 70 23.78 -19.90 6.57
N TYR A 71 22.56 -19.46 6.90
CA TYR A 71 21.43 -19.43 6.00
C TYR A 71 20.83 -18.04 6.09
N THR A 72 20.62 -17.40 4.94
CA THR A 72 20.01 -16.08 4.93
C THR A 72 18.50 -16.19 4.97
N VAL A 73 17.92 -15.37 5.82
CA VAL A 73 16.48 -15.20 5.93
C VAL A 73 16.21 -13.80 5.41
N ASP A 74 15.67 -13.70 4.20
CA ASP A 74 15.69 -12.43 3.47
C ASP A 74 14.36 -11.69 3.51
N LEU A 75 13.37 -12.18 4.24
CA LEU A 75 12.14 -11.48 4.49
C LEU A 75 11.72 -11.75 5.92
N LEU A 76 11.39 -10.70 6.66
CA LEU A 76 11.06 -10.77 8.08
C LEU A 76 9.69 -10.16 8.34
N PRO A 77 8.96 -10.64 9.35
CA PRO A 77 7.65 -10.02 9.66
C PRO A 77 7.79 -8.57 10.07
N LYS A 78 6.94 -7.73 9.49
CA LYS A 78 6.88 -6.31 9.84
C LYS A 78 5.41 -5.87 9.86
N ILE A 79 5.19 -4.66 10.36
CA ILE A 79 3.87 -4.05 10.36
C ILE A 79 3.94 -2.77 9.53
N LYS A 80 2.95 -2.59 8.65
CA LYS A 80 2.75 -1.35 7.93
C LYS A 80 1.64 -0.56 8.60
N ILE A 81 1.92 0.70 8.91
CA ILE A 81 0.89 1.64 9.33
C ILE A 81 0.76 2.72 8.28
N GLU A 82 -0.46 3.11 8.00
CA GLU A 82 -0.75 4.20 7.07
C GLU A 82 -1.66 5.19 7.77
N LEU A 83 -1.24 6.44 7.81
CA LEU A 83 -2.11 7.52 8.26
C LEU A 83 -2.22 8.54 7.15
N VAL A 84 -3.43 8.83 6.72
CA VAL A 84 -3.66 9.95 5.83
C VAL A 84 -3.98 11.15 6.70
N VAL A 85 -3.26 12.24 6.47
CA VAL A 85 -3.13 13.32 7.42
C VAL A 85 -3.13 14.67 6.73
N LYS A 86 -3.41 15.69 7.54
CA LYS A 86 -3.17 17.06 7.11
C LYS A 86 -1.67 17.25 6.94
N GLU A 87 -1.27 17.99 5.90
CA GLU A 87 0.15 18.12 5.61
C GLU A 87 0.92 18.72 6.78
N GLU A 88 0.31 19.67 7.47
CA GLU A 88 1.00 20.36 8.54
C GLU A 88 1.24 19.45 9.74
N ASP A 89 0.68 18.25 9.76
CA ASP A 89 0.88 17.29 10.85
C ASP A 89 1.98 16.29 10.55
N VAL A 90 2.49 16.27 9.32
CA VAL A 90 3.41 15.21 8.90
C VAL A 90 4.64 15.14 9.79
N GLU A 91 5.29 16.27 10.01
CA GLU A 91 6.57 16.21 10.71
C GLU A 91 6.39 15.77 12.15
N LYS A 92 5.32 16.21 12.82
CA LYS A 92 5.07 15.76 14.20
C LYS A 92 4.82 14.25 14.23
N ILE A 93 4.16 13.73 13.22
CA ILE A 93 3.88 12.30 13.14
C ILE A 93 5.15 11.52 12.84
N ILE A 94 5.95 11.99 11.88
CA ILE A 94 7.27 11.40 11.66
C ILE A 94 8.04 11.29 12.97
N ASP A 95 8.02 12.38 13.75
CA ASP A 95 8.80 12.39 14.98
C ASP A 95 8.32 11.34 15.96
N ILE A 96 7.00 11.26 16.13
CA ILE A 96 6.40 10.28 17.03
C ILE A 96 6.72 8.86 16.57
N ILE A 97 6.54 8.59 15.28
CA ILE A 97 6.82 7.25 14.80
C ILE A 97 8.27 6.90 15.07
N CYS A 98 9.20 7.79 14.71
CA CYS A 98 10.60 7.47 14.88
C CYS A 98 10.97 7.27 16.35
N GLU A 99 10.47 8.14 17.23
CA GLU A 99 10.84 8.05 18.62
C GLU A 99 10.30 6.78 19.25
N ASN A 100 9.13 6.34 18.86
CA ASN A 100 8.50 5.20 19.50
C ASN A 100 8.85 3.88 18.82
N ALA A 101 9.18 3.89 17.54
CA ALA A 101 9.51 2.65 16.82
C ALA A 101 10.99 2.28 16.98
N LYS A 102 11.84 3.26 17.26
CA LYS A 102 13.27 2.96 17.32
C LYS A 102 13.62 2.11 18.54
N THR A 103 14.60 1.24 18.34
CA THR A 103 15.13 0.43 19.42
C THR A 103 16.66 0.42 19.42
N GLY A 104 17.28 1.11 18.48
CA GLY A 104 18.72 1.08 18.33
C GLY A 104 19.26 -0.12 17.60
N ASN A 105 18.43 -0.77 16.77
CA ASN A 105 18.84 -1.95 16.05
C ASN A 105 18.42 -1.86 14.59
N GLN A 106 19.32 -2.28 13.70
CA GLN A 106 18.95 -2.37 12.29
C GLN A 106 17.66 -3.15 12.18
N GLY A 107 16.75 -2.65 11.34
CA GLY A 107 15.43 -3.25 11.16
C GLY A 107 14.31 -2.47 11.81
N ASP A 108 14.62 -1.34 12.44
CA ASP A 108 13.64 -0.59 13.19
C ASP A 108 12.54 0.04 12.34
N GLY A 109 12.79 0.28 11.06
CA GLY A 109 11.71 0.81 10.23
C GLY A 109 12.08 1.92 9.29
N LYS A 110 11.10 2.28 8.49
CA LYS A 110 11.27 3.33 7.48
C LYS A 110 9.92 3.98 7.28
N VAL A 111 9.95 5.30 7.04
CA VAL A 111 8.74 6.08 6.83
C VAL A 111 8.79 6.68 5.44
N PHE A 112 7.70 6.57 4.71
CA PHE A 112 7.52 7.15 3.39
C PHE A 112 6.37 8.15 3.42
N ILE A 113 6.56 9.32 2.78
CA ILE A 113 5.52 10.33 2.64
C ILE A 113 5.08 10.36 1.18
N ILE A 114 3.80 10.14 0.94
CA ILE A 114 3.22 10.01 -0.39
C ILE A 114 2.09 11.04 -0.50
N PRO A 115 1.97 11.75 -1.64
CA PRO A 115 0.90 12.73 -1.78
C PRO A 115 -0.48 12.09 -1.87
N VAL A 116 -1.46 12.76 -1.27
CA VAL A 116 -2.87 12.38 -1.37
C VAL A 116 -3.66 13.58 -1.91
N GLU A 117 -4.34 13.35 -3.03
CA GLU A 117 -5.07 14.41 -3.72
C GLU A 117 -6.49 14.61 -3.25
N GLU A 118 -7.11 13.56 -2.70
CA GLU A 118 -8.47 13.64 -2.24
C GLU A 118 -8.71 12.58 -1.19
N VAL A 119 -9.62 12.91 -0.27
CA VAL A 119 -10.14 12.02 0.76
C VAL A 119 -11.65 12.12 0.80
N VAL A 120 -12.33 10.99 0.93
CA VAL A 120 -13.79 10.98 1.02
C VAL A 120 -14.20 10.02 2.11
N ARG A 121 -15.02 10.51 3.05
CA ARG A 121 -15.60 9.65 4.09
C ARG A 121 -16.83 8.97 3.51
N VAL A 122 -16.85 7.64 3.57
CA VAL A 122 -17.92 6.87 2.94
C VAL A 122 -19.29 7.22 3.51
N ARG A 123 -19.42 7.26 4.83
CA ARG A 123 -20.75 7.34 5.44
C ARG A 123 -21.49 8.59 5.00
N THR A 124 -20.79 9.72 4.92
CA THR A 124 -21.41 11.02 4.74
C THR A 124 -21.06 11.66 3.40
N LYS A 125 -20.08 11.14 2.68
CA LYS A 125 -19.54 11.72 1.45
C LYS A 125 -18.87 13.06 1.71
N GLU A 126 -18.51 13.38 2.96
CA GLU A 126 -17.64 14.52 3.18
C GLU A 126 -16.30 14.28 2.50
N ARG A 127 -15.72 15.36 1.99
CA ARG A 127 -14.52 15.30 1.18
C ARG A 127 -13.50 16.32 1.64
N GLY A 128 -12.24 16.00 1.43
CA GLY A 128 -11.17 16.92 1.74
C GLY A 128 -10.66 16.80 3.15
N ARG A 129 -10.02 17.88 3.61
CA ARG A 129 -9.31 17.83 4.89
C ARG A 129 -10.26 17.55 6.04
N GLY A 130 -11.52 17.96 5.90
CA GLY A 130 -12.51 17.67 6.93
C GLY A 130 -12.86 16.21 7.07
N ALA A 131 -12.51 15.38 6.11
CA ALA A 131 -12.81 13.94 6.12
C ALA A 131 -11.65 13.11 6.67
N ILE A 132 -10.52 13.74 7.01
CA ILE A 132 -9.33 13.03 7.47
C ILE A 132 -9.59 12.40 8.83
N GLY B 18 11.92 18.27 -7.87
CA GLY B 18 11.36 16.94 -7.46
C GLY B 18 12.20 16.22 -6.44
N SER B 19 11.59 15.25 -5.78
CA SER B 19 12.28 14.52 -4.73
C SER B 19 13.28 13.53 -5.32
N HIS B 20 13.06 13.13 -6.57
CA HIS B 20 13.87 12.10 -7.19
C HIS B 20 13.82 10.79 -6.41
N MET B 21 12.64 10.47 -5.86
CA MET B 21 12.35 9.22 -5.16
C MET B 21 10.96 8.76 -5.62
N LYS B 22 10.78 7.45 -5.78
CA LYS B 22 9.53 6.88 -6.28
C LYS B 22 9.27 5.57 -5.54
N LYS B 23 8.02 5.19 -5.53
CA LYS B 23 7.58 3.88 -5.07
C LYS B 23 7.21 3.05 -6.28
N VAL B 24 7.85 1.89 -6.39
CA VAL B 24 7.49 0.86 -7.35
C VAL B 24 6.60 -0.12 -6.63
N GLU B 25 5.34 -0.21 -7.03
CA GLU B 25 4.35 -1.12 -6.44
C GLU B 25 3.98 -2.08 -7.55
N ALA B 26 4.40 -3.36 -7.43
CA ALA B 26 4.12 -4.35 -8.46
C ALA B 26 3.31 -5.51 -7.86
N ILE B 27 2.37 -6.01 -8.65
CA ILE B 27 1.61 -7.21 -8.31
C ILE B 27 2.07 -8.30 -9.27
N ILE B 28 2.46 -9.46 -8.70
CA ILE B 28 3.06 -10.56 -9.44
C ILE B 28 2.44 -11.87 -8.96
N ARG B 29 2.70 -12.93 -9.72
CA ARG B 29 2.27 -14.26 -9.30
C ARG B 29 3.05 -14.71 -8.07
N PRO B 30 2.41 -15.42 -7.13
CA PRO B 30 3.14 -15.94 -5.98
C PRO B 30 4.34 -16.77 -6.38
N GLU B 31 4.17 -17.57 -7.44
CA GLU B 31 5.25 -18.50 -7.87
C GLU B 31 6.41 -17.80 -8.60
N ARG B 32 6.32 -16.49 -8.83
CA ARG B 32 7.42 -15.74 -9.37
C ARG B 32 8.11 -14.83 -8.35
N LEU B 33 7.65 -14.81 -7.10
CA LEU B 33 8.28 -13.95 -6.10
C LEU B 33 9.76 -14.22 -5.94
N ASP B 34 10.15 -15.47 -5.71
CA ASP B 34 11.56 -15.72 -5.38
C ASP B 34 12.45 -15.35 -6.56
N ILE B 35 12.00 -15.64 -7.79
CA ILE B 35 12.78 -15.29 -8.98
C ILE B 35 12.95 -13.78 -9.08
N VAL B 36 11.84 -13.06 -8.95
CA VAL B 36 11.88 -11.60 -9.04
C VAL B 36 12.78 -11.02 -7.96
N LYS B 37 12.60 -11.46 -6.71
CA LYS B 37 13.35 -10.93 -5.58
C LYS B 37 14.83 -11.19 -5.74
N ASN B 38 15.19 -12.37 -6.24
N ASN B 38 15.18 -12.38 -6.24
CA ASN B 38 16.61 -12.66 -6.42
CA ASN B 38 16.60 -12.74 -6.43
C ASN B 38 17.22 -11.79 -7.49
C ASN B 38 17.23 -11.83 -7.49
N SER B 39 16.50 -11.57 -8.59
CA SER B 39 17.03 -10.71 -9.63
C SER B 39 17.15 -9.27 -9.17
N LEU B 40 16.20 -8.78 -8.39
CA LEU B 40 16.32 -7.43 -7.84
C LEU B 40 17.52 -7.33 -6.92
N THR B 41 17.69 -8.33 -6.03
CA THR B 41 18.82 -8.35 -5.11
C THR B 41 20.12 -8.34 -5.87
N ASP B 42 20.21 -9.14 -6.92
CA ASP B 42 21.45 -9.22 -7.66
C ASP B 42 21.82 -7.88 -8.27
N ALA B 43 20.82 -7.06 -8.64
CA ALA B 43 21.06 -5.72 -9.19
C ALA B 43 21.26 -4.65 -8.11
N GLY B 44 21.19 -5.04 -6.84
CA GLY B 44 21.43 -4.13 -5.74
C GLY B 44 20.20 -3.42 -5.24
N TYR B 45 19.01 -3.86 -5.63
CA TYR B 45 17.74 -3.23 -5.19
C TYR B 45 17.13 -4.12 -4.13
N VAL B 46 17.49 -3.85 -2.88
CA VAL B 46 17.24 -4.77 -1.78
C VAL B 46 16.08 -4.35 -0.91
N GLY B 47 16.01 -3.09 -0.49
CA GLY B 47 14.91 -2.69 0.38
C GLY B 47 13.58 -2.88 -0.28
N MET B 48 12.68 -3.59 0.38
CA MET B 48 11.44 -4.05 -0.23
C MET B 48 10.48 -4.53 0.85
N THR B 49 9.20 -4.30 0.59
CA THR B 49 8.10 -4.72 1.46
C THR B 49 7.16 -5.58 0.65
N VAL B 50 6.78 -6.73 1.19
CA VAL B 50 6.04 -7.77 0.48
C VAL B 50 4.73 -8.04 1.22
N SER B 51 3.63 -8.05 0.48
CA SER B 51 2.31 -8.28 1.04
C SER B 51 1.61 -9.37 0.25
N GLU B 52 0.78 -10.13 0.94
CA GLU B 52 -0.10 -11.10 0.33
C GLU B 52 -1.42 -10.41 0.03
N VAL B 53 -1.89 -10.54 -1.19
CA VAL B 53 -3.10 -9.86 -1.63
C VAL B 53 -3.90 -10.82 -2.50
N LYS B 54 -5.08 -10.36 -2.92
CA LYS B 54 -5.85 -11.06 -3.94
C LYS B 54 -6.17 -10.03 -5.02
N GLY B 55 -6.42 -10.47 -6.24
CA GLY B 55 -6.67 -9.50 -7.28
C GLY B 55 -7.32 -10.13 -8.49
N ARG B 56 -7.66 -9.23 -9.39
CA ARG B 56 -8.06 -9.61 -10.76
C ARG B 56 -7.67 -8.44 -11.65
N GLY B 57 -7.29 -8.76 -12.88
CA GLY B 57 -7.01 -7.79 -13.90
C GLY B 57 -8.20 -7.56 -14.79
N ILE B 58 -7.91 -7.20 -16.04
CA ILE B 58 -8.98 -6.77 -16.92
C ILE B 58 -9.91 -7.90 -17.32
N GLN B 59 -9.47 -9.16 -17.23
CA GLN B 59 -10.34 -10.26 -17.59
C GLN B 59 -11.30 -10.66 -16.48
N GLY B 60 -11.18 -10.11 -15.27
CA GLY B 60 -12.15 -10.32 -14.21
C GLY B 60 -12.08 -11.67 -13.54
N GLY B 61 -10.94 -12.32 -13.61
CA GLY B 61 -10.75 -13.59 -12.94
C GLY B 61 -10.71 -14.71 -13.94
N ILE B 62 -11.06 -15.91 -13.44
CA ILE B 62 -11.01 -17.15 -14.20
C ILE B 62 -12.35 -17.87 -14.06
N VAL B 63 -12.53 -18.89 -14.89
CA VAL B 63 -13.69 -19.75 -14.87
C VAL B 63 -13.25 -21.14 -14.44
N GLU B 64 -13.93 -21.70 -13.44
CA GLU B 64 -13.71 -23.05 -12.98
C GLU B 64 -14.95 -23.87 -13.27
N ARG B 65 -14.76 -25.13 -13.65
CA ARG B 65 -15.87 -25.99 -14.04
C ARG B 65 -16.18 -27.02 -12.97
N TYR B 66 -17.47 -27.30 -12.79
CA TYR B 66 -17.94 -28.31 -11.85
C TYR B 66 -19.21 -28.90 -12.41
N ARG B 67 -19.23 -30.21 -12.61
CA ARG B 67 -20.39 -30.91 -13.19
C ARG B 67 -20.85 -30.26 -14.49
N GLY B 68 -19.90 -29.92 -15.34
CA GLY B 68 -20.25 -29.29 -16.59
C GLY B 68 -20.78 -27.87 -16.48
N ARG B 69 -20.83 -27.29 -15.27
CA ARG B 69 -21.23 -25.90 -15.09
C ARG B 69 -19.99 -25.04 -14.88
N GLU B 70 -20.10 -23.76 -15.23
CA GLU B 70 -19.02 -22.80 -15.09
C GLU B 70 -19.30 -21.85 -13.92
N TYR B 71 -18.25 -21.56 -13.16
CA TYR B 71 -18.30 -20.67 -12.01
C TYR B 71 -17.15 -19.67 -12.12
N THR B 72 -17.44 -18.41 -11.86
CA THR B 72 -16.40 -17.39 -11.92
C THR B 72 -15.70 -17.22 -10.59
N VAL B 73 -14.39 -17.22 -10.65
CA VAL B 73 -13.53 -16.96 -9.51
C VAL B 73 -12.89 -15.62 -9.79
N ASP B 74 -13.34 -14.58 -9.09
CA ASP B 74 -13.03 -13.21 -9.51
C ASP B 74 -11.95 -12.54 -8.67
N LEU B 75 -11.31 -13.26 -7.75
CA LEU B 75 -10.12 -12.80 -7.05
C LEU B 75 -9.20 -14.01 -6.91
N LEU B 76 -7.92 -13.81 -7.22
CA LEU B 76 -6.92 -14.85 -7.11
C LEU B 76 -5.75 -14.40 -6.25
N PRO B 77 -5.06 -15.32 -5.59
CA PRO B 77 -3.88 -14.94 -4.80
C PRO B 77 -2.81 -14.30 -5.66
N LYS B 78 -2.26 -13.20 -5.16
CA LYS B 78 -1.14 -12.51 -5.79
C LYS B 78 -0.18 -12.05 -4.70
N ILE B 79 0.98 -11.58 -5.11
CA ILE B 79 1.96 -10.98 -4.22
C ILE B 79 2.17 -9.53 -4.64
N LYS B 80 2.15 -8.62 -3.69
CA LYS B 80 2.53 -7.24 -3.89
C LYS B 80 3.95 -7.03 -3.37
N ILE B 81 4.79 -6.45 -4.21
CA ILE B 81 6.10 -5.98 -3.78
C ILE B 81 6.13 -4.46 -3.91
N GLU B 82 6.68 -3.80 -2.90
CA GLU B 82 6.90 -2.37 -2.91
C GLU B 82 8.35 -2.07 -2.67
N LEU B 83 8.95 -1.34 -3.61
CA LEU B 83 10.32 -0.84 -3.44
C LEU B 83 10.27 0.66 -3.55
N VAL B 84 10.69 1.36 -2.50
CA VAL B 84 10.93 2.79 -2.61
C VAL B 84 12.38 2.97 -3.03
N VAL B 85 12.59 3.74 -4.09
CA VAL B 85 13.84 3.74 -4.82
C VAL B 85 14.20 5.16 -5.25
N LYS B 86 15.47 5.31 -5.60
CA LYS B 86 15.93 6.51 -6.29
C LYS B 86 15.34 6.51 -7.69
N GLU B 87 14.91 7.69 -8.15
CA GLU B 87 14.19 7.78 -9.40
C GLU B 87 14.97 7.20 -10.58
N GLU B 88 16.28 7.40 -10.59
CA GLU B 88 17.10 6.92 -11.69
C GLU B 88 17.12 5.41 -11.82
N ASP B 89 16.66 4.68 -10.81
CA ASP B 89 16.60 3.22 -10.88
C ASP B 89 15.25 2.68 -11.34
N VAL B 90 14.23 3.53 -11.48
CA VAL B 90 12.88 3.04 -11.76
C VAL B 90 12.83 2.25 -13.04
N GLU B 91 13.39 2.77 -14.15
CA GLU B 91 13.23 2.05 -15.41
C GLU B 91 13.92 0.68 -15.38
N LYS B 92 15.10 0.61 -14.80
CA LYS B 92 15.76 -0.69 -14.69
C LYS B 92 14.95 -1.65 -13.84
N ILE B 93 14.36 -1.17 -12.73
CA ILE B 93 13.55 -2.03 -11.89
C ILE B 93 12.30 -2.49 -12.62
N ILE B 94 11.61 -1.61 -13.36
CA ILE B 94 10.50 -2.05 -14.22
C ILE B 94 10.97 -3.18 -15.11
N ASP B 95 12.11 -2.99 -15.77
CA ASP B 95 12.64 -4.00 -16.67
C ASP B 95 12.86 -5.33 -15.95
N ILE B 96 13.51 -5.28 -14.78
CA ILE B 96 13.78 -6.51 -14.02
C ILE B 96 12.48 -7.20 -13.63
N ILE B 97 11.52 -6.45 -13.10
CA ILE B 97 10.29 -7.08 -12.65
C ILE B 97 9.58 -7.71 -13.83
N CYS B 98 9.46 -6.99 -14.95
CA CYS B 98 8.73 -7.54 -16.09
C CYS B 98 9.43 -8.79 -16.62
N GLU B 99 10.76 -8.73 -16.76
CA GLU B 99 11.45 -9.85 -17.37
C GLU B 99 11.37 -11.11 -16.51
N ASN B 100 11.34 -10.95 -15.19
CA ASN B 100 11.36 -12.07 -14.27
C ASN B 100 9.96 -12.56 -13.91
N ALA B 101 8.96 -11.67 -13.92
CA ALA B 101 7.60 -12.05 -13.55
C ALA B 101 6.81 -12.63 -14.73
N LYS B 102 7.18 -12.30 -15.96
CA LYS B 102 6.36 -12.72 -17.09
C LYS B 102 6.46 -14.23 -17.34
N THR B 103 5.35 -14.80 -17.81
CA THR B 103 5.30 -16.19 -18.20
C THR B 103 4.61 -16.38 -19.52
N GLY B 104 4.11 -15.32 -20.15
CA GLY B 104 3.35 -15.48 -21.34
C GLY B 104 1.89 -15.79 -21.13
N ASN B 105 1.36 -15.55 -19.95
CA ASN B 105 -0.02 -15.88 -19.64
C ASN B 105 -0.68 -14.70 -18.96
N GLN B 106 -1.94 -14.49 -19.32
CA GLN B 106 -2.73 -13.49 -18.64
C GLN B 106 -2.65 -13.72 -17.15
N GLY B 107 -2.48 -12.64 -16.38
CA GLY B 107 -2.34 -12.73 -14.95
C GLY B 107 -0.93 -12.48 -14.45
N ASP B 108 0.02 -12.22 -15.35
CA ASP B 108 1.42 -12.13 -14.97
C ASP B 108 1.72 -10.94 -14.07
N GLY B 109 0.94 -9.88 -14.09
CA GLY B 109 1.19 -8.79 -13.16
C GLY B 109 1.09 -7.41 -13.74
N LYS B 110 1.30 -6.43 -12.87
CA LYS B 110 1.25 -5.04 -13.24
C LYS B 110 2.14 -4.26 -12.31
N VAL B 111 2.76 -3.21 -12.84
CA VAL B 111 3.65 -2.35 -12.10
C VAL B 111 3.07 -0.94 -12.09
N PHE B 112 3.06 -0.32 -10.92
CA PHE B 112 2.63 1.05 -10.73
C PHE B 112 3.77 1.87 -10.14
N ILE B 113 3.94 3.11 -10.63
CA ILE B 113 4.96 4.03 -10.10
C ILE B 113 4.24 5.19 -9.46
N ILE B 114 4.56 5.43 -8.19
CA ILE B 114 3.89 6.41 -7.34
C ILE B 114 4.94 7.36 -6.77
N PRO B 115 4.69 8.67 -6.77
CA PRO B 115 5.68 9.60 -6.19
C PRO B 115 5.84 9.42 -4.69
N VAL B 116 7.07 9.59 -4.21
CA VAL B 116 7.43 9.61 -2.79
C VAL B 116 8.15 10.92 -2.50
N GLU B 117 7.61 11.71 -1.59
CA GLU B 117 8.15 13.03 -1.31
C GLU B 117 9.22 13.04 -0.24
N GLU B 118 9.22 12.06 0.66
CA GLU B 118 10.19 12.01 1.73
C GLU B 118 10.33 10.58 2.20
N VAL B 119 11.54 10.24 2.65
CA VAL B 119 11.89 8.94 3.23
C VAL B 119 12.68 9.22 4.50
N VAL B 120 12.34 8.50 5.59
CA VAL B 120 13.04 8.64 6.86
C VAL B 120 13.36 7.25 7.41
N ARG B 121 14.63 7.02 7.74
CA ARG B 121 15.07 5.79 8.39
C ARG B 121 14.80 5.93 9.89
N VAL B 122 14.00 5.01 10.45
CA VAL B 122 13.57 5.14 11.85
C VAL B 122 14.75 5.18 12.81
N ARG B 123 15.72 4.27 12.63
CA ARG B 123 16.73 4.06 13.67
C ARG B 123 17.57 5.32 13.88
N THR B 124 17.89 6.01 12.79
CA THR B 124 18.86 7.09 12.79
C THR B 124 18.24 8.44 12.46
N LYS B 125 17.02 8.46 11.92
CA LYS B 125 16.37 9.67 11.42
C LYS B 125 17.06 10.29 10.22
N GLU B 126 17.91 9.53 9.55
CA GLU B 126 18.41 10.00 8.28
C GLU B 126 17.24 10.11 7.30
N ARG B 127 17.28 11.14 6.45
CA ARG B 127 16.18 11.48 5.56
C ARG B 127 16.67 11.60 4.12
N GLY B 128 15.74 11.40 3.21
CA GLY B 128 16.00 11.63 1.81
C GLY B 128 16.58 10.43 1.09
N ARG B 129 17.24 10.70 -0.03
CA ARG B 129 17.73 9.64 -0.89
C ARG B 129 18.71 8.73 -0.18
N GLY B 130 19.49 9.28 0.76
CA GLY B 130 20.42 8.46 1.52
C GLY B 130 19.77 7.47 2.47
N ALA B 131 18.48 7.59 2.72
CA ALA B 131 17.75 6.67 3.60
C ALA B 131 17.07 5.57 2.84
N ILE B 132 17.16 5.57 1.51
CA ILE B 132 16.46 4.58 0.71
C ILE B 132 17.08 3.21 0.86
N GLY C 18 0.61 15.81 -17.31
CA GLY C 18 0.08 14.78 -16.35
C GLY C 18 -0.18 13.39 -16.90
N SER C 19 -0.05 12.38 -16.03
CA SER C 19 -0.23 11.01 -16.49
C SER C 19 -1.69 10.69 -16.75
N HIS C 20 -2.61 11.41 -16.11
CA HIS C 20 -4.05 11.12 -16.18
C HIS C 20 -4.34 9.68 -15.74
N MET C 21 -3.61 9.22 -14.73
CA MET C 21 -3.87 7.98 -14.04
C MET C 21 -3.81 8.24 -12.54
N LYS C 22 -4.65 7.53 -11.80
CA LYS C 22 -4.70 7.71 -10.32
C LYS C 22 -4.90 6.36 -9.66
N LYS C 23 -4.58 6.31 -8.36
CA LYS C 23 -4.85 5.09 -7.58
C LYS C 23 -5.99 5.41 -6.61
N VAL C 24 -7.05 4.60 -6.67
CA VAL C 24 -8.17 4.75 -5.70
C VAL C 24 -7.89 3.71 -4.61
N GLU C 25 -7.59 4.18 -3.40
CA GLU C 25 -7.32 3.28 -2.26
C GLU C 25 -8.50 3.47 -1.30
N ALA C 26 -9.37 2.47 -1.18
CA ALA C 26 -10.56 2.57 -0.34
C ALA C 26 -10.48 1.52 0.76
N ILE C 27 -10.85 1.94 1.98
CA ILE C 27 -10.98 1.03 3.11
C ILE C 27 -12.47 0.90 3.39
N ILE C 28 -12.95 -0.34 3.39
CA ILE C 28 -14.39 -0.61 3.58
C ILE C 28 -14.57 -1.74 4.59
N ARG C 29 -15.82 -1.98 4.98
CA ARG C 29 -16.14 -3.08 5.91
C ARG C 29 -15.94 -4.39 5.14
N PRO C 30 -15.54 -5.46 5.84
CA PRO C 30 -15.34 -6.78 5.22
C PRO C 30 -16.62 -7.34 4.60
N GLU C 31 -17.77 -7.06 5.22
N GLU C 31 -17.76 -6.98 5.21
CA GLU C 31 -19.09 -7.54 4.72
CA GLU C 31 -19.10 -7.47 4.77
C GLU C 31 -19.59 -6.69 3.54
C GLU C 31 -19.57 -6.72 3.52
N ARG C 32 -18.81 -5.65 3.12
CA ARG C 32 -19.26 -4.91 1.91
C ARG C 32 -18.29 -5.16 0.74
N LEU C 33 -17.28 -6.01 0.92
CA LEU C 33 -16.34 -6.25 -0.17
C LEU C 33 -17.04 -6.76 -1.43
N ASP C 34 -17.82 -7.83 -1.35
CA ASP C 34 -18.41 -8.37 -2.57
C ASP C 34 -19.37 -7.38 -3.20
N ILE C 35 -20.15 -6.69 -2.37
CA ILE C 35 -21.09 -5.71 -2.87
C ILE C 35 -20.38 -4.61 -3.66
N VAL C 36 -19.29 -4.09 -3.09
CA VAL C 36 -18.57 -3.00 -3.75
C VAL C 36 -17.85 -3.53 -4.99
N LYS C 37 -17.17 -4.67 -4.86
CA LYS C 37 -16.46 -5.25 -6.00
C LYS C 37 -17.38 -5.53 -7.16
N ASN C 38 -18.54 -6.12 -6.88
CA ASN C 38 -19.47 -6.51 -7.92
C ASN C 38 -20.08 -5.28 -8.57
N SER C 39 -20.35 -4.26 -7.78
CA SER C 39 -20.87 -3.02 -8.34
C SER C 39 -19.86 -2.32 -9.24
N LEU C 40 -18.59 -2.31 -8.85
CA LEU C 40 -17.54 -1.78 -9.73
C LEU C 40 -17.44 -2.59 -11.01
N THR C 41 -17.45 -3.92 -10.90
CA THR C 41 -17.38 -4.79 -12.07
C THR C 41 -18.51 -4.49 -13.04
N ASP C 42 -19.73 -4.37 -12.51
CA ASP C 42 -20.89 -4.13 -13.34
C ASP C 42 -20.76 -2.83 -14.13
N ALA C 43 -20.05 -1.85 -13.58
CA ALA C 43 -19.80 -0.57 -14.25
C ALA C 43 -18.55 -0.58 -15.11
N GLY C 44 -17.82 -1.69 -15.14
CA GLY C 44 -16.68 -1.83 -16.03
C GLY C 44 -15.34 -1.49 -15.43
N TYR C 45 -15.27 -1.29 -14.11
CA TYR C 45 -14.02 -0.96 -13.42
C TYR C 45 -13.55 -2.24 -12.75
N VAL C 46 -12.74 -3.01 -13.45
CA VAL C 46 -12.47 -4.40 -13.08
C VAL C 46 -11.13 -4.61 -12.38
N GLY C 47 -10.05 -4.10 -12.98
CA GLY C 47 -8.70 -4.27 -12.39
C GLY C 47 -8.66 -3.78 -10.95
N MET C 48 -8.32 -4.67 -10.02
N MET C 48 -8.42 -4.67 -10.05
CA MET C 48 -8.33 -4.26 -8.59
CA MET C 48 -8.42 -4.26 -8.62
C MET C 48 -7.46 -5.22 -7.75
C MET C 48 -7.56 -5.23 -7.78
N THR C 49 -6.88 -4.69 -6.68
CA THR C 49 -6.06 -5.47 -5.71
C THR C 49 -6.71 -5.32 -4.35
N VAL C 50 -6.90 -6.43 -3.65
CA VAL C 50 -7.65 -6.48 -2.38
C VAL C 50 -6.75 -7.02 -1.28
N SER C 51 -6.73 -6.34 -0.14
CA SER C 51 -5.90 -6.68 1.00
C SER C 51 -6.76 -6.72 2.25
N GLU C 52 -6.43 -7.63 3.16
CA GLU C 52 -7.02 -7.65 4.50
C GLU C 52 -6.20 -6.76 5.43
N VAL C 53 -6.84 -5.86 6.14
CA VAL C 53 -6.17 -4.90 7.00
C VAL C 53 -6.97 -4.77 8.30
N LYS C 54 -6.42 -3.99 9.21
CA LYS C 54 -7.16 -3.54 10.38
C LYS C 54 -7.08 -2.02 10.44
N GLY C 55 -8.01 -1.40 11.14
CA GLY C 55 -7.95 0.05 11.20
C GLY C 55 -8.83 0.61 12.28
N ARG C 56 -8.74 1.93 12.38
CA ARG C 56 -9.70 2.72 13.18
C ARG C 56 -9.75 4.11 12.52
N GLY C 57 -10.93 4.69 12.56
CA GLY C 57 -11.15 6.05 12.13
C GLY C 57 -11.06 7.01 13.28
N ILE C 58 -11.76 8.14 13.15
CA ILE C 58 -11.60 9.21 14.12
C ILE C 58 -12.17 8.88 15.49
N GLN C 59 -13.06 7.89 15.60
CA GLN C 59 -13.59 7.55 16.91
C GLN C 59 -12.67 6.61 17.69
N GLY C 60 -11.61 6.09 17.09
CA GLY C 60 -10.61 5.32 17.81
C GLY C 60 -10.99 3.92 18.21
N GLY C 61 -11.96 3.35 17.53
CA GLY C 61 -12.34 2.00 17.81
C GLY C 61 -13.72 1.93 18.44
N ILE C 62 -13.97 0.81 19.09
CA ILE C 62 -15.28 0.54 19.71
C ILE C 62 -15.04 0.06 21.14
N VAL C 63 -16.08 0.12 21.97
CA VAL C 63 -15.99 -0.31 23.36
C VAL C 63 -16.78 -1.58 23.53
N GLU C 64 -16.13 -2.61 24.04
CA GLU C 64 -16.75 -3.89 24.35
C GLU C 64 -16.88 -4.06 25.86
N ARG C 65 -17.96 -4.70 26.28
CA ARG C 65 -18.30 -4.85 27.69
C ARG C 65 -18.14 -6.31 28.08
N TYR C 66 -17.56 -6.55 29.25
CA TYR C 66 -17.35 -7.92 29.74
C TYR C 66 -17.23 -7.90 31.26
N ARG C 67 -18.07 -8.70 31.93
CA ARG C 67 -17.96 -8.88 33.38
C ARG C 67 -17.90 -7.55 34.13
N GLY C 68 -18.69 -6.58 33.69
CA GLY C 68 -18.75 -5.30 34.36
C GLY C 68 -17.62 -4.35 34.03
N ARG C 69 -16.77 -4.72 33.09
CA ARG C 69 -15.65 -3.92 32.64
C ARG C 69 -15.90 -3.49 31.20
N GLU C 70 -15.07 -2.57 30.75
CA GLU C 70 -15.11 -2.10 29.39
C GLU C 70 -13.69 -2.13 28.83
N TYR C 71 -13.60 -2.42 27.53
CA TYR C 71 -12.32 -2.50 26.85
C TYR C 71 -12.47 -1.85 25.49
N THR C 72 -11.55 -0.96 25.12
CA THR C 72 -11.56 -0.35 23.80
C THR C 72 -10.77 -1.20 22.84
N VAL C 73 -11.45 -1.66 21.80
CA VAL C 73 -10.85 -2.40 20.70
C VAL C 73 -10.51 -1.34 19.65
N ASP C 74 -9.22 -1.05 19.52
CA ASP C 74 -8.83 0.13 18.73
C ASP C 74 -8.32 -0.18 17.32
N LEU C 75 -8.37 -1.44 16.91
CA LEU C 75 -8.13 -1.84 15.53
C LEU C 75 -9.17 -2.89 15.18
N LEU C 76 -9.90 -2.68 14.08
CA LEU C 76 -10.96 -3.57 13.67
C LEU C 76 -10.72 -4.10 12.26
N PRO C 77 -11.22 -5.30 11.93
CA PRO C 77 -11.01 -5.82 10.58
C PRO C 77 -11.65 -4.92 9.53
N LYS C 78 -10.89 -4.67 8.47
CA LYS C 78 -11.35 -3.90 7.32
C LYS C 78 -10.77 -4.54 6.07
N ILE C 79 -11.26 -4.09 4.91
CA ILE C 79 -10.75 -4.51 3.62
C ILE C 79 -10.23 -3.28 2.89
N LYS C 80 -9.05 -3.38 2.31
CA LYS C 80 -8.53 -2.38 1.40
C LYS C 80 -8.72 -2.85 -0.03
N ILE C 81 -9.31 -1.99 -0.87
CA ILE C 81 -9.32 -2.19 -2.31
C ILE C 81 -8.51 -1.09 -2.95
N GLU C 82 -7.69 -1.48 -3.91
CA GLU C 82 -6.92 -0.54 -4.70
C GLU C 82 -7.27 -0.74 -6.15
N LEU C 83 -7.69 0.35 -6.80
CA LEU C 83 -7.90 0.36 -8.24
C LEU C 83 -7.01 1.44 -8.84
N VAL C 84 -6.15 1.06 -9.75
CA VAL C 84 -5.42 2.03 -10.57
C VAL C 84 -6.24 2.24 -11.81
N VAL C 85 -6.55 3.52 -12.09
CA VAL C 85 -7.61 3.89 -13.02
C VAL C 85 -7.21 5.10 -13.83
N LYS C 86 -7.89 5.27 -14.96
CA LYS C 86 -7.81 6.52 -15.70
C LYS C 86 -8.42 7.64 -14.86
N GLU C 87 -7.79 8.81 -14.89
CA GLU C 87 -8.18 9.90 -14.01
C GLU C 87 -9.64 10.27 -14.19
N GLU C 88 -10.13 10.29 -15.45
CA GLU C 88 -11.49 10.72 -15.73
C GLU C 88 -12.53 9.74 -15.18
N ASP C 89 -12.12 8.59 -14.65
CA ASP C 89 -13.04 7.63 -14.06
C ASP C 89 -13.15 7.77 -12.54
N VAL C 90 -12.29 8.58 -11.91
CA VAL C 90 -12.18 8.60 -10.46
C VAL C 90 -13.48 8.99 -9.79
N GLU C 91 -14.15 10.04 -10.27
CA GLU C 91 -15.36 10.48 -9.57
C GLU C 91 -16.46 9.44 -9.67
N LYS C 92 -16.60 8.78 -10.83
CA LYS C 92 -17.60 7.73 -10.96
C LYS C 92 -17.32 6.59 -9.98
N ILE C 93 -16.05 6.26 -9.82
CA ILE C 93 -15.64 5.17 -8.92
C ILE C 93 -15.87 5.56 -7.47
N ILE C 94 -15.54 6.79 -7.09
CA ILE C 94 -15.85 7.28 -5.75
C ILE C 94 -17.35 7.12 -5.48
N ASP C 95 -18.17 7.51 -6.45
CA ASP C 95 -19.62 7.45 -6.24
C ASP C 95 -20.08 6.01 -6.02
N ILE C 96 -19.57 5.05 -6.82
CA ILE C 96 -19.94 3.64 -6.68
C ILE C 96 -19.49 3.10 -5.35
N ILE C 97 -18.25 3.38 -4.97
CA ILE C 97 -17.75 2.86 -3.69
C ILE C 97 -18.58 3.41 -2.55
N CYS C 98 -18.86 4.71 -2.56
CA CYS C 98 -19.56 5.29 -1.43
C CYS C 98 -21.00 4.78 -1.35
N GLU C 99 -21.68 4.73 -2.50
CA GLU C 99 -23.05 4.27 -2.49
C GLU C 99 -23.19 2.86 -1.97
N ASN C 100 -22.27 1.98 -2.34
CA ASN C 100 -22.37 0.57 -2.00
C ASN C 100 -21.68 0.19 -0.71
N ALA C 101 -20.69 0.94 -0.26
CA ALA C 101 -20.04 0.64 1.01
C ALA C 101 -20.79 1.19 2.21
N LYS C 102 -21.58 2.24 2.02
CA LYS C 102 -22.24 2.89 3.13
C LYS C 102 -23.35 2.04 3.73
N THR C 103 -23.52 2.21 5.05
CA THR C 103 -24.56 1.55 5.80
C THR C 103 -25.26 2.51 6.76
N GLY C 104 -24.82 3.75 6.87
CA GLY C 104 -25.37 4.67 7.83
C GLY C 104 -24.76 4.58 9.20
N ASN C 105 -23.62 3.92 9.33
CA ASN C 105 -22.98 3.71 10.63
C ASN C 105 -21.53 4.12 10.59
N GLN C 106 -21.07 4.71 11.68
CA GLN C 106 -19.65 5.03 11.80
C GLN C 106 -18.84 3.77 11.51
N GLY C 107 -17.76 3.91 10.74
CA GLY C 107 -16.93 2.78 10.35
C GLY C 107 -17.08 2.33 8.92
N ASP C 108 -17.94 3.00 8.15
CA ASP C 108 -18.25 2.57 6.79
C ASP C 108 -17.08 2.68 5.84
N GLY C 109 -16.07 3.51 6.09
CA GLY C 109 -14.94 3.53 5.18
C GLY C 109 -14.43 4.90 4.80
N LYS C 110 -13.36 4.88 4.03
CA LYS C 110 -12.71 6.10 3.56
C LYS C 110 -12.03 5.79 2.25
N VAL C 111 -12.02 6.78 1.36
CA VAL C 111 -11.42 6.66 0.05
C VAL C 111 -10.31 7.69 -0.08
N PHE C 112 -9.16 7.25 -0.55
CA PHE C 112 -8.00 8.09 -0.80
C PHE C 112 -7.64 8.04 -2.27
N ILE C 113 -7.31 9.19 -2.85
CA ILE C 113 -6.89 9.29 -4.25
C ILE C 113 -5.43 9.67 -4.28
N ILE C 114 -4.59 8.85 -4.92
CA ILE C 114 -3.14 9.02 -4.90
C ILE C 114 -2.67 9.08 -6.36
N PRO C 115 -1.75 9.98 -6.73
CA PRO C 115 -1.29 10.02 -8.13
C PRO C 115 -0.49 8.77 -8.51
N VAL C 116 -0.65 8.33 -9.76
CA VAL C 116 0.13 7.27 -10.36
C VAL C 116 0.80 7.83 -11.61
N GLU C 117 2.12 7.74 -11.68
CA GLU C 117 2.89 8.30 -12.78
C GLU C 117 3.07 7.36 -13.95
N GLU C 118 3.04 6.05 -13.73
CA GLU C 118 3.26 5.09 -14.79
C GLU C 118 2.61 3.78 -14.39
N VAL C 119 2.17 3.03 -15.40
CA VAL C 119 1.58 1.71 -15.25
C VAL C 119 2.15 0.85 -16.37
N VAL C 120 2.59 -0.36 -16.02
CA VAL C 120 3.16 -1.30 -16.98
C VAL C 120 2.53 -2.68 -16.79
N ARG C 121 1.98 -3.25 -17.87
CA ARG C 121 1.46 -4.60 -17.85
C ARG C 121 2.63 -5.56 -18.03
N VAL C 122 2.80 -6.51 -17.10
CA VAL C 122 3.98 -7.38 -17.10
C VAL C 122 4.05 -8.23 -18.35
N ARG C 123 2.93 -8.82 -18.75
CA ARG C 123 3.00 -9.84 -19.80
C ARG C 123 3.50 -9.26 -21.10
N THR C 124 3.01 -8.06 -21.44
CA THR C 124 3.28 -7.51 -22.80
C THR C 124 4.19 -6.29 -22.76
N LYS C 125 4.43 -5.73 -21.58
CA LYS C 125 5.21 -4.48 -21.37
C LYS C 125 4.46 -3.27 -21.93
N GLU C 126 3.15 -3.39 -22.13
N GLU C 126 3.13 -3.38 -22.05
CA GLU C 126 2.36 -2.22 -22.56
CA GLU C 126 2.29 -2.24 -22.50
C GLU C 126 2.42 -1.20 -21.42
C GLU C 126 2.35 -1.18 -21.39
N ARG C 127 2.56 0.09 -21.74
CA ARG C 127 2.69 1.11 -20.66
C ARG C 127 1.65 2.21 -20.84
N GLY C 128 1.29 2.83 -19.73
CA GLY C 128 0.36 3.93 -19.72
C GLY C 128 -1.09 3.54 -19.59
N ARG C 129 -1.96 4.41 -20.09
CA ARG C 129 -3.38 4.24 -19.88
C ARG C 129 -3.93 2.99 -20.53
N GLY C 130 -3.29 2.50 -21.61
CA GLY C 130 -3.67 1.23 -22.20
C GLY C 130 -3.33 0.01 -21.39
N ALA C 131 -2.57 0.17 -20.31
CA ALA C 131 -2.20 -0.90 -19.42
C ALA C 131 -3.10 -0.99 -18.19
N ILE C 132 -4.05 -0.06 -18.05
CA ILE C 132 -4.96 0.00 -16.87
C ILE C 132 -5.90 -1.22 -16.85
C1 AKG D . 17.50 -5.38 6.95
O1 AKG D . 17.69 -4.30 6.46
O2 AKG D . 17.24 -6.46 6.25
C2 AKG D . 17.51 -5.54 8.49
O5 AKG D . 17.77 -4.54 9.14
C3 AKG D . 17.27 -6.93 9.07
C4 AKG D . 16.98 -6.94 10.58
C5 AKG D . 15.54 -6.74 10.99
O3 AKG D . 14.70 -6.39 10.05
O4 AKG D . 15.20 -6.90 12.15
MG MG E . 17.99 -2.81 7.83
PG ATP F . 18.66 0.02 9.24
O1G ATP F . 18.25 0.78 10.44
O2G ATP F . 20.13 0.25 8.89
O3G ATP F . 18.30 -1.37 9.34
PB ATP F . 17.31 0.01 6.68
O1B ATP F . 17.49 1.04 5.63
O2B ATP F . 17.98 -1.22 6.38
O3B ATP F . 17.81 0.71 8.05
PA ATP F . 15.12 -1.27 7.99
O1A ATP F . 14.83 -0.61 9.30
O2A ATP F . 15.86 -2.53 7.97
O3A ATP F . 15.75 -0.21 6.93
O5' ATP F . 13.74 -1.54 7.18
C5' ATP F . 12.60 -2.00 7.90
C4' ATP F . 11.54 -2.45 6.87
O4' ATP F . 11.14 -1.35 6.07
C3' ATP F . 12.04 -3.51 5.90
O3' ATP F . 12.01 -4.85 6.39
C2' ATP F . 11.08 -3.29 4.73
O2' ATP F . 9.80 -3.86 5.05
C1' ATP F . 10.89 -1.81 4.74
N9 ATP F . 11.84 -1.07 3.85
C8 ATP F . 13.03 -0.55 4.18
N7 ATP F . 13.57 0.11 3.15
C5 ATP F . 12.67 0.00 2.16
C6 ATP F . 12.62 0.50 0.78
N6 ATP F . 13.60 1.26 0.26
N1 ATP F . 11.51 0.17 0.07
C2 ATP F . 10.50 -0.57 0.60
N3 ATP F . 10.48 -1.06 1.84
C4 ATP F . 11.53 -0.79 2.61
C1 AKG G . -7.37 -11.40 -14.79
O1 AKG G . -7.07 -10.29 -15.37
O2 AKG G . -8.31 -11.54 -14.02
C2 AKG G . -6.45 -12.57 -15.14
O5 AKG G . -5.55 -12.40 -15.93
C3 AKG G . -6.79 -13.92 -14.53
C4 AKG G . -5.67 -14.94 -14.55
C5 AKG G . -4.66 -14.90 -13.42
O3 AKG G . -4.67 -13.85 -12.69
O4 AKG G . -3.86 -15.79 -13.28
MG MG H . -5.42 -10.35 -16.60
PG ATP I . -3.16 -9.60 -18.74
O1G ATP I . -3.95 -9.39 -20.04
O2G ATP I . -3.77 -10.56 -17.83
O3G ATP I . -1.70 -9.88 -18.97
PB ATP I . -4.16 -7.53 -17.00
O1B ATP I . -4.26 -6.10 -17.29
O2B ATP I . -5.43 -8.25 -16.93
O3B ATP I . -3.14 -8.16 -18.09
PA ATP I . -3.04 -8.98 -14.78
O1A ATP I . -1.68 -9.49 -15.11
O2A ATP I . -4.17 -9.93 -14.90
O3A ATP I . -3.39 -7.63 -15.58
O5' ATP I . -3.14 -8.40 -13.27
C5' ATP I . -2.44 -9.08 -12.23
C4' ATP I . -2.86 -8.46 -10.89
O4' ATP I . -2.52 -7.09 -10.85
C3' ATP I . -4.36 -8.53 -10.64
O3' ATP I . -4.81 -9.77 -10.16
C2' ATP I . -4.52 -7.41 -9.64
O2' ATP I . -4.07 -7.82 -8.32
C1' ATP I . -3.53 -6.40 -10.12
N9 ATP I . -4.11 -5.39 -11.05
C8 ATP I . -4.19 -5.47 -12.42
N7 ATP I . -4.70 -4.34 -12.93
C5 ATP I . -4.97 -3.56 -11.90
C6 ATP I . -5.47 -2.21 -11.72
N6 ATP I . -5.81 -1.44 -12.80
N1 ATP I . -5.57 -1.72 -10.48
C2 ATP I . -5.22 -2.46 -9.40
N3 ATP I . -4.72 -3.67 -9.45
C4 ATP I . -4.57 -4.25 -10.66
C1 AKG J . -13.79 4.36 14.14
O1 AKG J . -13.62 5.45 13.61
O2 AKG J . -12.93 3.79 14.91
C2 AKG J . -15.11 3.63 13.95
O5 AKG J . -15.94 4.19 13.24
C3 AKG J . -15.36 2.35 14.70
C4 AKG J . -16.50 1.53 14.15
C5 AKG J . -16.10 0.66 12.99
O3 AKG J . -15.04 0.77 12.40
O4 AKG J . -16.99 -0.21 12.67
O1 MES K . -22.20 -5.35 10.02
C2 MES K . -21.82 -5.19 8.66
C3 MES K . -22.59 -4.08 7.99
N4 MES K . -23.98 -4.00 8.55
C5 MES K . -24.42 -5.35 9.02
C6 MES K . -23.52 -5.86 10.12
C7 MES K . -24.93 -3.41 7.55
C8 MES K . -26.30 -4.06 7.55
S MES K . -27.37 -3.41 6.28
O1S MES K . -27.17 -1.99 6.28
O2S MES K . -26.96 -4.02 5.06
O3S MES K . -28.70 -3.78 6.66
C1 GOL L . -13.68 4.40 21.08
O1 GOL L . -15.08 4.51 21.13
C2 GOL L . -13.06 5.20 22.19
O2 GOL L . -12.99 4.39 23.35
C3 GOL L . -11.68 5.71 21.88
O3 GOL L . -11.17 6.45 22.98
CL CL M . 0.52 4.35 -2.15
MG MG N . -15.18 6.03 12.40
PG ATP O . -17.14 7.75 10.50
O1G ATP O . -17.52 8.93 11.35
O2G ATP O . -16.91 6.46 11.23
O3G ATP O . -18.08 7.49 9.42
PB ATP O . -14.26 7.98 10.15
O1B ATP O . -13.60 9.21 9.77
O2B ATP O . -14.11 7.70 11.60
O3B ATP O . -15.80 8.20 9.72
PA ATP O . -14.21 5.23 9.38
O1A ATP O . -15.35 4.96 8.51
O2A ATP O . -14.38 4.85 10.81
O3A ATP O . -13.76 6.75 9.22
O5' ATP O . -12.86 4.55 8.82
C5' ATP O . -12.90 3.24 8.33
C4' ATP O . -11.44 2.75 8.13
O4' ATP O . -10.75 3.63 7.24
C3' ATP O . -10.62 2.79 9.42
O3' ATP O . -10.84 1.69 10.27
C2' ATP O . -9.20 2.84 8.87
O2' ATP O . -8.85 1.55 8.37
C1' ATP O . -9.41 3.75 7.68
N9 ATP O . -9.15 5.16 7.94
C8 ATP O . -10.05 6.11 8.31
N7 ATP O . -9.47 7.29 8.40
C5 ATP O . -8.17 7.12 8.08
C6 ATP O . -7.03 7.99 7.95
N6 ATP O . -7.10 9.32 8.15
N1 ATP O . -5.88 7.40 7.60
C2 ATP O . -5.80 6.10 7.36
N3 ATP O . -6.76 5.23 7.43
C4 ATP O . -7.98 5.71 7.80
#